data_4BG5
#
_entry.id   4BG5
#
_cell.length_a   136.810
_cell.length_b   69.870
_cell.length_c   58.880
_cell.angle_alpha   90.00
_cell.angle_beta   101.45
_cell.angle_gamma   90.00
#
_symmetry.space_group_name_H-M   'C 1 2 1'
#
_entity_poly.entity_id   1
_entity_poly.type   'polypeptide(L)'
_entity_poly.pdbx_seq_one_letter_code
;GAMGKDNKDKVASFTETKYNELSPQKGTKTQDQRSTKNLKVSNKGEADLIDKLFEILAREMTIIKKEKLQTEIPSQFGLK
NSMFELLNVYKIDSTNGTRLQEKMNSSLAESQKMRRQFYSSLSYNTTDIFNLAEIVNKLYKDPKAHDTIKKISGGIRIQQ
GFEVALEDLAINMDKLKANDFNKNTLEEIYNLIVDLTLIKKEWLSTIETLIKSSNATLELQYNTEKLNDHIEQTYKDTMI
SLCLKSEQTLLHLDTLFKFNNN
;
_entity_poly.pdbx_strand_id   A,B
#
# COMPACT_ATOMS: atom_id res chain seq x y z
N ILE A 50 2.19 -24.63 11.09
CA ILE A 50 1.49 -23.87 9.99
C ILE A 50 0.41 -22.89 10.47
N ASP A 51 -0.15 -23.11 11.65
CA ASP A 51 -1.06 -22.13 12.27
C ASP A 51 -0.29 -20.97 12.82
N LYS A 52 0.91 -21.24 13.33
CA LYS A 52 1.74 -20.16 13.81
C LYS A 52 1.81 -19.17 12.65
N LEU A 53 2.13 -19.67 11.46
CA LEU A 53 2.19 -18.87 10.25
C LEU A 53 0.95 -18.01 10.04
N PHE A 54 -0.21 -18.56 10.26
CA PHE A 54 -1.42 -17.75 10.14
C PHE A 54 -1.53 -16.72 11.24
N GLU A 55 -1.35 -17.15 12.49
CA GLU A 55 -1.28 -16.22 13.59
C GLU A 55 -0.35 -15.08 13.17
N ILE A 56 0.82 -15.40 12.63
CA ILE A 56 1.82 -14.38 12.29
C ILE A 56 1.28 -13.37 11.29
N LEU A 57 0.66 -13.90 10.24
CA LEU A 57 0.20 -13.07 9.16
C LEU A 57 -0.92 -12.17 9.64
N ALA A 58 -1.90 -12.75 10.30
CA ALA A 58 -2.98 -11.96 10.86
C ALA A 58 -2.39 -10.91 11.76
N ARG A 59 -1.46 -11.32 12.61
CA ARG A 59 -0.92 -10.42 13.62
C ARG A 59 -0.18 -9.23 13.01
N GLU A 60 0.88 -9.46 12.23
CA GLU A 60 1.68 -8.33 11.71
C GLU A 60 0.97 -7.54 10.60
N MET A 61 0.27 -8.23 9.72
CA MET A 61 -0.49 -7.61 8.62
C MET A 61 -1.65 -6.70 9.09
N THR A 62 -2.12 -6.88 10.32
CA THR A 62 -3.10 -5.95 10.86
C THR A 62 -2.34 -4.77 11.45
N ILE A 63 -1.41 -5.04 12.34
CA ILE A 63 -0.49 -4.03 12.83
C ILE A 63 -0.05 -3.02 11.76
N ILE A 64 -0.02 -3.44 10.50
CA ILE A 64 0.42 -2.58 9.40
C ILE A 64 -0.74 -1.81 8.81
N LYS A 65 -1.93 -2.42 8.80
CA LYS A 65 -3.14 -1.66 8.49
C LYS A 65 -3.19 -0.45 9.43
N LYS A 66 -3.12 -0.69 10.73
CA LYS A 66 -3.13 0.40 11.70
C LYS A 66 -2.07 1.42 11.30
N GLU A 67 -0.88 0.95 10.95
CA GLU A 67 0.23 1.86 10.72
C GLU A 67 -0.01 2.72 9.47
N LYS A 68 -0.72 2.20 8.49
CA LYS A 68 -0.92 2.93 7.24
C LYS A 68 -1.91 4.08 7.37
N LEU A 69 -2.91 3.91 8.23
CA LEU A 69 -3.95 4.93 8.44
C LEU A 69 -3.39 6.20 9.05
N GLN A 70 -2.42 6.07 9.93
CA GLN A 70 -1.70 7.22 10.49
C GLN A 70 -1.34 8.24 9.40
N THR A 71 -1.66 9.53 9.60
CA THR A 71 -1.18 10.56 8.64
C THR A 71 0.19 11.07 9.06
N GLU A 72 1.02 11.38 8.08
CA GLU A 72 2.30 12.02 8.36
C GLU A 72 1.93 13.44 8.72
N ILE A 73 2.75 14.08 9.55
CA ILE A 73 2.63 15.50 9.80
C ILE A 73 3.50 16.12 8.74
N PRO A 74 3.13 17.28 8.19
CA PRO A 74 3.89 17.86 7.08
C PRO A 74 5.38 17.97 7.37
N SER A 75 5.71 18.21 8.64
CA SER A 75 7.09 18.42 9.08
C SER A 75 7.97 17.16 8.89
N GLN A 76 7.35 16.01 8.65
CA GLN A 76 8.09 14.79 8.49
C GLN A 76 9.00 14.60 9.73
N PHE A 77 8.45 14.95 10.90
CA PHE A 77 8.95 14.52 12.20
C PHE A 77 10.31 15.06 12.64
N GLY A 78 10.74 16.14 11.99
CA GLY A 78 12.09 16.71 12.21
C GLY A 78 13.07 16.34 11.09
N LEU A 79 12.63 15.43 10.23
CA LEU A 79 13.50 14.68 9.32
C LEU A 79 13.35 15.08 7.88
N LYS A 80 12.62 16.15 7.59
CA LYS A 80 12.38 16.59 6.21
C LYS A 80 13.69 17.01 5.50
N ASN A 81 14.43 17.88 6.18
CA ASN A 81 15.63 18.46 5.64
C ASN A 81 16.87 17.83 6.22
N SER A 82 16.68 16.67 6.89
CA SER A 82 17.79 15.88 7.41
C SER A 82 17.89 14.62 6.62
N MET A 83 17.31 13.57 7.15
CA MET A 83 17.50 12.28 6.55
C MET A 83 16.90 12.31 5.16
N PHE A 84 15.77 13.00 5.01
CA PHE A 84 15.01 12.84 3.81
C PHE A 84 15.41 13.84 2.77
N GLU A 85 16.39 14.69 3.06
CA GLU A 85 17.07 15.43 1.99
C GLU A 85 18.43 14.84 1.65
N LEU A 86 19.01 14.15 2.60
CA LEU A 86 20.27 13.52 2.34
C LEU A 86 20.04 12.46 1.26
N LEU A 87 18.99 11.66 1.45
CA LEU A 87 18.74 10.46 0.65
C LEU A 87 17.96 10.72 -0.63
N ASN A 88 18.30 9.97 -1.67
CA ASN A 88 17.78 10.23 -2.99
C ASN A 88 17.14 9.01 -3.58
N VAL A 89 15.80 8.98 -3.60
CA VAL A 89 15.10 7.82 -4.09
C VAL A 89 15.08 7.78 -5.64
N TYR A 90 15.31 6.58 -6.20
CA TYR A 90 15.64 6.35 -7.61
C TYR A 90 14.61 5.46 -8.26
N LYS A 91 14.85 5.11 -9.52
CA LYS A 91 13.99 4.17 -10.24
C LYS A 91 14.77 3.41 -11.34
N LEU A 100 13.25 9.62 -12.90
CA LEU A 100 13.64 8.50 -12.07
C LEU A 100 14.55 8.86 -10.86
N GLN A 101 14.53 10.12 -10.40
CA GLN A 101 15.24 10.48 -9.17
C GLN A 101 14.77 11.79 -8.58
N GLU A 102 14.25 11.72 -7.35
CA GLU A 102 14.01 12.92 -6.52
C GLU A 102 14.60 12.72 -5.12
N LYS A 103 14.45 13.72 -4.24
CA LYS A 103 14.85 13.51 -2.85
C LYS A 103 13.73 12.74 -2.16
N MET A 104 14.04 12.25 -0.95
CA MET A 104 13.07 11.43 -0.23
C MET A 104 12.01 12.27 0.44
N ASN A 105 12.12 13.59 0.35
CA ASN A 105 11.11 14.44 0.92
C ASN A 105 10.10 14.91 -0.08
N SER A 106 10.21 14.51 -1.33
CA SER A 106 9.35 15.05 -2.39
C SER A 106 7.92 14.58 -2.27
N SER A 107 7.07 15.11 -3.13
CA SER A 107 5.70 14.62 -3.25
C SER A 107 5.69 13.26 -3.88
N LEU A 108 6.76 12.95 -4.61
CA LEU A 108 6.82 11.78 -5.46
C LEU A 108 6.35 10.57 -4.68
N ALA A 109 5.40 9.84 -5.28
CA ALA A 109 4.76 8.72 -4.59
C ALA A 109 5.76 7.80 -3.90
N GLU A 110 6.65 7.23 -4.69
CA GLU A 110 7.48 6.12 -4.24
C GLU A 110 8.24 6.49 -2.98
N SER A 111 8.41 7.79 -2.72
CA SER A 111 9.16 8.23 -1.57
C SER A 111 8.20 8.33 -0.40
N GLN A 112 7.04 8.92 -0.59
CA GLN A 112 6.08 8.93 0.50
C GLN A 112 5.89 7.52 1.05
N LYS A 113 5.88 6.49 0.20
CA LYS A 113 5.81 5.10 0.67
C LYS A 113 7.06 4.85 1.47
N MET A 114 8.19 5.36 0.98
CA MET A 114 9.51 5.09 1.58
C MET A 114 9.75 5.84 2.90
N ARG A 115 8.97 6.87 3.14
CA ARG A 115 8.96 7.51 4.44
C ARG A 115 8.16 6.71 5.45
N ARG A 116 7.06 6.11 5.00
CA ARG A 116 6.20 5.35 5.89
C ARG A 116 7.01 4.19 6.47
N GLN A 117 7.64 3.46 5.55
CA GLN A 117 8.43 2.30 5.87
C GLN A 117 9.45 2.58 6.97
N PHE A 118 10.09 3.75 6.95
CA PHE A 118 10.94 4.15 8.08
C PHE A 118 10.11 4.33 9.37
N TYR A 119 8.92 4.94 9.29
CA TYR A 119 8.08 5.17 10.47
C TYR A 119 7.65 3.84 11.03
N SER A 120 7.11 3.03 10.14
CA SER A 120 6.71 1.68 10.47
C SER A 120 7.84 0.83 11.03
N SER A 121 9.09 1.15 10.67
CA SER A 121 10.25 0.44 11.25
C SER A 121 10.20 0.59 12.77
N LEU A 122 9.84 1.81 13.21
CA LEU A 122 9.79 2.14 14.61
C LEU A 122 8.37 2.01 15.15
N SER A 123 7.59 1.23 14.42
CA SER A 123 6.20 0.95 14.75
C SER A 123 5.40 2.23 14.99
N TYR A 124 5.80 3.26 14.25
CA TYR A 124 5.18 4.57 14.26
C TYR A 124 5.06 5.17 15.63
N ASN A 125 5.94 4.77 16.52
CA ASN A 125 5.98 5.41 17.81
C ASN A 125 6.53 6.79 17.50
N THR A 126 5.67 7.79 17.52
CA THR A 126 6.04 9.11 17.06
C THR A 126 7.11 9.71 17.93
N THR A 127 7.00 9.42 19.23
CA THR A 127 7.96 9.90 20.19
C THR A 127 9.38 9.46 19.80
N ASP A 128 9.58 8.16 19.58
CA ASP A 128 10.87 7.66 19.05
C ASP A 128 11.35 8.35 17.78
N ILE A 129 10.42 8.61 16.86
CA ILE A 129 10.74 9.20 15.55
C ILE A 129 11.14 10.65 15.76
N PHE A 130 10.47 11.30 16.69
CA PHE A 130 10.89 12.63 17.12
C PHE A 130 12.26 12.56 17.78
N ASN A 131 12.41 11.65 18.73
CA ASN A 131 13.65 11.56 19.50
C ASN A 131 14.83 11.17 18.64
N LEU A 132 14.57 10.49 17.50
CA LEU A 132 15.62 10.10 16.55
C LEU A 132 15.98 11.24 15.60
N ALA A 133 14.95 12.00 15.23
CA ALA A 133 15.13 13.22 14.44
C ALA A 133 16.07 14.12 15.14
N GLU A 134 15.75 14.40 16.40
CA GLU A 134 16.58 15.21 17.28
C GLU A 134 18.03 14.86 17.13
N ILE A 135 18.32 13.58 17.24
CA ILE A 135 19.68 13.09 17.09
C ILE A 135 20.17 13.26 15.64
N VAL A 136 19.47 12.66 14.67
CA VAL A 136 19.81 12.84 13.24
C VAL A 136 20.11 14.29 12.85
N ASN A 137 19.26 15.19 13.34
CA ASN A 137 19.44 16.61 13.12
C ASN A 137 20.77 17.08 13.64
N LYS A 138 21.17 16.61 14.81
CA LYS A 138 22.52 16.92 15.32
C LYS A 138 23.64 16.33 14.46
N LEU A 139 23.45 15.11 13.96
CA LEU A 139 24.47 14.46 13.13
C LEU A 139 24.63 15.10 11.76
N TYR A 140 23.56 15.74 11.26
CA TYR A 140 23.52 16.29 9.87
C TYR A 140 24.30 17.58 9.64
N LYS A 141 24.86 18.12 10.71
CA LYS A 141 25.65 19.33 10.64
C LYS A 141 27.08 18.96 10.29
N ASP A 142 27.39 17.69 10.50
CA ASP A 142 28.74 17.27 10.45
C ASP A 142 28.74 16.21 9.39
N PRO A 143 29.20 16.53 8.19
CA PRO A 143 29.50 15.57 7.14
C PRO A 143 30.24 14.32 7.62
N LYS A 144 31.22 14.51 8.51
CA LYS A 144 32.00 13.41 9.12
C LYS A 144 31.10 12.33 9.67
N ALA A 145 29.89 12.71 10.07
CA ALA A 145 28.88 11.80 10.61
C ALA A 145 27.63 11.62 9.72
N HIS A 146 27.75 11.87 8.42
CA HIS A 146 26.65 11.63 7.51
C HIS A 146 26.45 10.14 7.22
N ASP A 147 27.49 9.31 7.38
CA ASP A 147 27.40 7.86 7.08
C ASP A 147 26.66 7.16 8.18
N THR A 148 26.79 7.68 9.38
CA THR A 148 25.97 7.23 10.48
C THR A 148 24.51 7.46 10.16
N ILE A 149 24.19 8.61 9.56
CA ILE A 149 22.83 8.89 9.13
C ILE A 149 22.34 7.90 8.07
N LYS A 150 23.25 7.43 7.20
CA LYS A 150 22.91 6.43 6.21
C LYS A 150 22.61 5.11 6.88
N LYS A 151 23.40 4.71 7.85
CA LYS A 151 23.14 3.43 8.50
C LYS A 151 21.77 3.41 9.20
N ILE A 152 21.37 4.56 9.75
CA ILE A 152 20.12 4.67 10.50
C ILE A 152 18.88 4.52 9.65
N SER A 153 19.03 4.57 8.33
CA SER A 153 17.89 4.52 7.43
C SER A 153 17.78 3.21 6.67
N GLY A 154 18.63 2.25 6.97
CA GLY A 154 18.38 0.85 6.57
C GLY A 154 17.21 0.22 7.33
N GLY A 155 16.68 0.93 8.33
CA GLY A 155 15.40 0.59 8.91
C GLY A 155 14.38 0.49 7.81
N ILE A 156 14.49 1.34 6.80
CA ILE A 156 13.64 1.26 5.62
C ILE A 156 13.83 -0.02 4.85
N ARG A 157 15.07 -0.28 4.42
CA ARG A 157 15.36 -1.49 3.66
C ARG A 157 14.82 -2.63 4.48
N ILE A 158 15.23 -2.72 5.73
CA ILE A 158 14.72 -3.79 6.56
C ILE A 158 13.23 -3.95 6.28
N GLN A 159 12.46 -2.94 6.68
CA GLN A 159 11.00 -2.97 6.57
C GLN A 159 10.54 -3.45 5.18
N GLN A 160 10.94 -2.78 4.09
CA GLN A 160 10.49 -3.20 2.75
C GLN A 160 10.46 -4.72 2.61
N GLY A 161 11.56 -5.35 2.97
CA GLY A 161 11.68 -6.79 2.84
C GLY A 161 10.65 -7.53 3.66
N PHE A 162 10.39 -7.02 4.86
CA PHE A 162 9.38 -7.58 5.75
C PHE A 162 7.95 -7.46 5.13
N GLU A 163 7.63 -6.30 4.56
CA GLU A 163 6.37 -6.15 3.82
C GLU A 163 6.32 -7.12 2.63
N VAL A 164 7.46 -7.31 1.98
CA VAL A 164 7.52 -8.08 0.77
C VAL A 164 7.46 -9.56 1.08
N ALA A 165 8.32 -10.01 1.99
CA ALA A 165 8.22 -11.38 2.47
C ALA A 165 6.77 -11.70 2.79
N LEU A 166 6.17 -10.87 3.65
CA LEU A 166 4.75 -11.01 4.05
C LEU A 166 3.73 -10.92 2.93
N GLU A 167 4.03 -10.11 1.92
CA GLU A 167 3.13 -9.98 0.80
C GLU A 167 3.09 -11.30 0.11
N ASP A 168 4.27 -11.86 -0.12
CA ASP A 168 4.37 -13.16 -0.75
C ASP A 168 3.89 -14.26 0.17
N LEU A 169 4.20 -14.18 1.46
CA LEU A 169 3.74 -15.25 2.32
C LEU A 169 2.29 -15.53 2.02
N ALA A 170 1.47 -14.49 2.08
CA ALA A 170 0.02 -14.60 1.92
C ALA A 170 -0.37 -15.16 0.57
N ILE A 171 0.29 -14.65 -0.46
CA ILE A 171 0.22 -15.18 -1.79
C ILE A 171 0.52 -16.68 -1.78
N ASN A 172 1.75 -17.05 -1.41
CA ASN A 172 2.21 -18.43 -1.51
C ASN A 172 1.63 -19.29 -0.40
N MET A 173 0.92 -18.66 0.52
CA MET A 173 0.38 -19.38 1.66
C MET A 173 -0.45 -20.57 1.26
N ASP A 174 -1.16 -20.44 0.15
CA ASP A 174 -1.98 -21.53 -0.37
C ASP A 174 -1.17 -22.76 -0.81
N LYS A 175 0.04 -22.52 -1.36
CA LYS A 175 0.88 -23.58 -1.93
C LYS A 175 1.55 -24.46 -0.87
N LEU A 176 2.03 -23.81 0.20
CA LEU A 176 2.67 -24.50 1.33
C LEU A 176 1.64 -24.98 2.40
N LYS A 177 0.37 -24.73 2.09
CA LYS A 177 -0.78 -25.40 2.71
C LYS A 177 -0.88 -26.87 2.32
N ALA A 178 -0.58 -27.14 1.04
CA ALA A 178 -0.60 -28.48 0.49
C ALA A 178 0.06 -29.46 1.45
N ASN A 179 -0.71 -30.45 1.89
CA ASN A 179 -0.21 -31.57 2.71
C ASN A 179 0.95 -32.31 2.03
N ASP A 180 1.25 -31.88 0.80
CA ASP A 180 2.15 -32.51 -0.17
C ASP A 180 3.55 -31.84 -0.16
N PHE A 181 3.53 -30.55 0.16
CA PHE A 181 4.67 -29.65 0.21
C PHE A 181 5.68 -30.05 1.29
N ASN A 182 6.97 -30.08 0.94
CA ASN A 182 8.03 -30.58 1.84
C ASN A 182 8.02 -29.98 3.26
N LYS A 183 7.81 -30.84 4.26
CA LYS A 183 7.82 -30.42 5.67
C LYS A 183 9.19 -29.89 6.19
N ASN A 184 10.27 -30.31 5.54
CA ASN A 184 11.63 -29.94 5.95
C ASN A 184 12.05 -28.65 5.27
N THR A 185 11.08 -27.97 4.67
CA THR A 185 11.33 -26.75 3.91
C THR A 185 10.32 -25.66 4.28
N LEU A 186 9.07 -26.07 4.42
CA LEU A 186 8.09 -25.33 5.19
C LEU A 186 8.75 -24.85 6.47
N GLU A 187 9.49 -25.74 7.15
CA GLU A 187 10.26 -25.35 8.35
C GLU A 187 11.28 -24.25 8.03
N GLU A 188 12.12 -24.48 7.00
CA GLU A 188 13.08 -23.46 6.54
C GLU A 188 12.39 -22.12 6.41
N ILE A 189 11.29 -22.09 5.66
CA ILE A 189 10.51 -20.86 5.47
C ILE A 189 10.04 -20.19 6.76
N TYR A 190 9.32 -20.92 7.60
CA TYR A 190 8.84 -20.34 8.85
C TYR A 190 9.99 -19.72 9.59
N ASN A 191 11.13 -20.43 9.62
CA ASN A 191 12.32 -19.96 10.35
C ASN A 191 12.77 -18.58 9.90
N LEU A 192 12.80 -18.39 8.59
CA LEU A 192 13.19 -17.13 8.00
C LEU A 192 12.13 -16.08 8.34
N ILE A 193 10.89 -16.40 8.00
CA ILE A 193 9.76 -15.58 8.37
C ILE A 193 9.94 -15.00 9.76
N VAL A 194 10.15 -15.87 10.76
CA VAL A 194 10.34 -15.38 12.11
C VAL A 194 11.52 -14.45 12.16
N ASP A 195 12.68 -14.94 11.72
CA ASP A 195 13.92 -14.14 11.71
C ASP A 195 13.69 -12.72 11.18
N LEU A 196 12.92 -12.61 10.10
CA LEU A 196 12.48 -11.29 9.63
C LEU A 196 11.76 -10.54 10.72
N THR A 197 10.66 -11.11 11.20
CA THR A 197 9.88 -10.45 12.21
C THR A 197 10.75 -10.09 13.41
N LEU A 198 11.78 -10.90 13.65
CA LEU A 198 12.71 -10.69 14.77
C LEU A 198 13.67 -9.58 14.52
N ILE A 199 14.34 -9.60 13.41
CA ILE A 199 15.20 -8.48 13.11
C ILE A 199 14.41 -7.19 13.39
N LYS A 200 13.19 -7.12 12.84
CA LYS A 200 12.37 -5.95 12.99
C LYS A 200 12.41 -5.51 14.43
N LYS A 201 12.15 -6.46 15.34
CA LYS A 201 12.12 -6.17 16.78
C LYS A 201 13.44 -5.57 17.22
N GLU A 202 14.51 -6.32 16.97
CA GLU A 202 15.87 -5.93 17.33
C GLU A 202 16.14 -4.53 16.92
N TRP A 203 15.78 -4.18 15.70
CA TRP A 203 15.94 -2.84 15.16
C TRP A 203 15.32 -1.76 16.05
N LEU A 204 14.01 -1.84 16.24
CA LEU A 204 13.31 -0.93 17.13
C LEU A 204 13.98 -0.87 18.48
N SER A 205 14.28 -2.05 18.99
CA SER A 205 15.02 -2.19 20.22
C SER A 205 16.29 -1.35 20.16
N THR A 206 17.08 -1.54 19.11
CA THR A 206 18.34 -0.80 18.99
C THR A 206 18.13 0.69 18.93
N ILE A 207 17.21 1.13 18.09
CA ILE A 207 16.90 2.56 17.95
C ILE A 207 16.61 3.21 19.32
N GLU A 208 15.69 2.63 20.07
CA GLU A 208 15.37 3.12 21.42
C GLU A 208 16.61 3.18 22.28
N THR A 209 17.32 2.05 22.34
CA THR A 209 18.47 1.96 23.22
C THR A 209 19.40 3.09 22.87
N LEU A 210 19.59 3.29 21.58
CA LEU A 210 20.39 4.39 21.11
C LEU A 210 19.82 5.67 21.75
N ILE A 211 18.59 6.00 21.45
CA ILE A 211 17.97 7.22 21.97
C ILE A 211 18.21 7.42 23.46
N LYS A 212 18.26 6.35 24.24
CA LYS A 212 18.51 6.51 25.67
C LYS A 212 19.96 6.98 25.90
N SER A 213 20.95 6.31 25.30
CA SER A 213 22.33 6.62 25.62
C SER A 213 22.82 7.89 24.94
N SER A 214 22.19 8.29 23.85
CA SER A 214 22.58 9.52 23.16
C SER A 214 22.16 10.77 23.89
N ASN A 215 21.25 10.65 24.86
CA ASN A 215 20.88 11.77 25.70
C ASN A 215 21.14 11.50 27.16
N ALA A 216 22.16 10.70 27.46
CA ALA A 216 22.44 10.35 28.84
C ALA A 216 23.27 11.45 29.54
N THR A 217 23.95 12.30 28.79
CA THR A 217 24.78 13.37 29.38
C THR A 217 24.69 14.67 28.57
N LEU A 218 24.85 15.80 29.24
CA LEU A 218 24.76 17.08 28.54
C LEU A 218 25.77 17.17 27.39
N GLU A 219 26.94 16.55 27.56
CA GLU A 219 27.97 16.50 26.51
C GLU A 219 27.55 15.69 25.27
N LEU A 220 26.80 14.60 25.49
CA LEU A 220 26.32 13.76 24.37
C LEU A 220 25.10 14.34 23.70
N GLN A 221 24.43 15.27 24.37
CA GLN A 221 23.38 16.05 23.74
C GLN A 221 23.97 17.22 22.89
N TYR A 222 25.22 17.60 23.20
CA TYR A 222 25.82 18.83 22.70
C TYR A 222 26.86 18.55 21.61
N ASN A 223 27.93 17.86 21.95
CA ASN A 223 29.06 17.64 21.05
C ASN A 223 28.78 16.56 19.98
N THR A 224 28.44 16.98 18.77
CA THR A 224 28.20 16.05 17.65
C THR A 224 29.39 15.12 17.35
N GLU A 225 30.61 15.70 17.36
CA GLU A 225 31.83 14.94 17.13
C GLU A 225 31.72 13.65 17.94
N LYS A 226 31.36 13.78 19.20
CA LYS A 226 31.35 12.66 20.12
C LYS A 226 30.06 11.85 20.09
N LEU A 227 28.94 12.53 19.94
CA LEU A 227 27.66 11.83 19.77
C LEU A 227 27.83 10.74 18.71
N ASN A 228 28.42 11.12 17.58
CA ASN A 228 28.58 10.21 16.46
C ASN A 228 29.53 9.07 16.74
N ASP A 229 30.71 9.43 17.27
CA ASP A 229 31.62 8.46 17.85
C ASP A 229 30.87 7.46 18.68
N HIS A 230 30.11 7.96 19.65
CA HIS A 230 29.26 7.12 20.49
C HIS A 230 28.49 6.07 19.71
N ILE A 231 27.84 6.52 18.63
CA ILE A 231 26.92 5.71 17.87
C ILE A 231 27.67 4.74 16.97
N GLU A 232 28.72 5.24 16.34
CA GLU A 232 29.58 4.40 15.53
C GLU A 232 30.09 3.30 16.43
N GLN A 233 30.71 3.71 17.51
CA GLN A 233 31.26 2.79 18.49
C GLN A 233 30.29 1.72 18.92
N THR A 234 29.11 2.16 19.33
CA THR A 234 28.18 1.34 20.09
C THR A 234 27.11 0.62 19.23
N TYR A 235 26.77 1.12 18.06
CA TYR A 235 25.59 0.61 17.34
C TYR A 235 25.67 0.43 15.83
N LYS A 236 26.57 1.17 15.16
CA LYS A 236 26.65 1.17 13.68
C LYS A 236 26.81 -0.23 13.08
N ASP A 237 27.71 -1.02 13.66
CA ASP A 237 27.89 -2.42 13.27
C ASP A 237 26.58 -3.13 13.36
N THR A 238 25.93 -2.99 14.51
CA THR A 238 24.70 -3.69 14.75
C THR A 238 23.64 -3.36 13.70
N MET A 239 23.64 -2.11 13.25
CA MET A 239 22.67 -1.64 12.25
C MET A 239 23.11 -2.09 10.88
N ILE A 240 24.41 -2.21 10.69
CA ILE A 240 24.90 -2.75 9.45
C ILE A 240 24.42 -4.20 9.34
N SER A 241 24.95 -5.07 10.20
CA SER A 241 24.62 -6.51 10.18
C SER A 241 23.12 -6.77 10.12
N LEU A 242 22.33 -6.07 10.93
CA LEU A 242 20.87 -6.22 10.87
C LEU A 242 20.32 -5.88 9.50
N CYS A 243 20.87 -4.84 8.86
CA CYS A 243 20.46 -4.53 7.52
C CYS A 243 20.82 -5.70 6.57
N LEU A 244 21.98 -6.34 6.78
CA LEU A 244 22.37 -7.50 5.97
C LEU A 244 21.51 -8.73 6.18
N LYS A 245 21.42 -9.17 7.43
CA LYS A 245 20.60 -10.31 7.80
C LYS A 245 19.28 -10.21 7.05
N SER A 246 18.66 -9.03 7.10
CA SER A 246 17.38 -8.77 6.38
C SER A 246 17.39 -9.06 4.86
N GLU A 247 18.53 -8.88 4.21
CA GLU A 247 18.61 -9.11 2.79
C GLU A 247 18.78 -10.58 2.55
N GLN A 248 19.58 -10.75 3.31
CA GLN A 248 19.91 -12.12 2.85
C GLN A 248 18.89 -13.19 3.21
N THR A 249 18.08 -12.94 4.23
CA THR A 249 17.02 -13.87 4.60
C THR A 249 15.97 -13.85 3.50
N LEU A 250 15.61 -12.66 3.06
CA LEU A 250 14.71 -12.53 1.92
C LEU A 250 15.18 -13.34 0.76
N LEU A 251 16.44 -13.06 0.37
CA LEU A 251 16.93 -13.64 -0.87
C LEU A 251 16.81 -15.14 -0.80
N HIS A 252 17.34 -15.69 0.27
CA HIS A 252 17.12 -17.09 0.62
C HIS A 252 15.61 -17.46 0.56
N LEU A 253 14.77 -16.69 1.26
CA LEU A 253 13.31 -16.92 1.26
C LEU A 253 12.73 -16.87 -0.16
N ASP A 254 13.12 -15.83 -0.89
CA ASP A 254 12.64 -15.61 -2.24
C ASP A 254 12.88 -16.87 -3.11
N THR A 255 14.12 -17.38 -3.07
CA THR A 255 14.43 -18.70 -3.63
C THR A 255 13.41 -19.77 -3.24
N LEU A 256 13.33 -19.98 -1.93
CA LEU A 256 12.43 -20.97 -1.38
C LEU A 256 11.03 -20.87 -1.93
N PHE A 257 10.54 -19.68 -2.26
CA PHE A 257 9.18 -19.56 -2.78
C PHE A 257 8.94 -20.10 -4.19
N LYS A 258 10.01 -20.55 -4.85
CA LYS A 258 10.00 -20.72 -6.31
C LYS A 258 10.39 -22.12 -6.77
N ILE B 50 -12.55 -23.03 0.92
CA ILE B 50 -11.39 -22.58 1.75
C ILE B 50 -10.04 -22.52 1.01
N ASP B 51 -9.83 -23.45 0.08
CA ASP B 51 -8.62 -23.46 -0.75
C ASP B 51 -8.79 -22.53 -1.92
N LYS B 52 -9.99 -22.55 -2.49
CA LYS B 52 -10.38 -21.56 -3.48
C LYS B 52 -10.25 -20.15 -2.88
N LEU B 53 -10.73 -19.96 -1.64
CA LEU B 53 -10.51 -18.70 -0.89
C LEU B 53 -9.06 -18.27 -0.91
N PHE B 54 -8.17 -19.25 -0.70
CA PHE B 54 -6.73 -19.01 -0.72
C PHE B 54 -6.15 -18.75 -2.09
N GLU B 55 -6.73 -19.38 -3.09
CA GLU B 55 -6.28 -19.22 -4.45
C GLU B 55 -6.68 -17.84 -5.02
N ILE B 56 -7.87 -17.36 -4.65
CA ILE B 56 -8.34 -16.02 -5.08
C ILE B 56 -7.58 -14.90 -4.41
N LEU B 57 -7.16 -15.13 -3.17
CA LEU B 57 -6.32 -14.21 -2.48
C LEU B 57 -4.99 -14.14 -3.26
N ALA B 58 -4.37 -15.30 -3.51
CA ALA B 58 -3.06 -15.34 -4.16
C ALA B 58 -3.14 -14.66 -5.48
N ARG B 59 -4.18 -14.97 -6.24
CA ARG B 59 -4.30 -14.44 -7.61
C ARG B 59 -4.36 -12.93 -7.67
N GLU B 60 -5.33 -12.36 -6.96
CA GLU B 60 -5.61 -10.93 -7.08
C GLU B 60 -4.53 -10.18 -6.34
N MET B 61 -4.13 -10.68 -5.19
CA MET B 61 -3.08 -10.06 -4.40
C MET B 61 -1.81 -9.88 -5.21
N THR B 62 -1.54 -10.86 -6.08
CA THR B 62 -0.41 -10.79 -6.99
C THR B 62 -0.71 -9.79 -8.11
N ILE B 63 -1.98 -9.71 -8.49
CA ILE B 63 -2.44 -8.76 -9.51
C ILE B 63 -2.25 -7.31 -9.02
N ILE B 64 -2.50 -7.05 -7.74
CA ILE B 64 -2.41 -5.69 -7.20
C ILE B 64 -1.01 -5.26 -6.89
N LYS B 65 -0.19 -6.17 -6.38
CA LYS B 65 1.25 -5.89 -6.25
C LYS B 65 1.76 -5.19 -7.53
N LYS B 66 1.49 -5.84 -8.66
CA LYS B 66 1.97 -5.44 -9.99
C LYS B 66 1.38 -4.08 -10.46
N GLU B 67 0.10 -3.84 -10.17
CA GLU B 67 -0.53 -2.55 -10.48
C GLU B 67 0.01 -1.38 -9.64
N LYS B 68 0.68 -1.67 -8.52
CA LYS B 68 1.27 -0.63 -7.63
C LYS B 68 2.68 -0.19 -8.01
N LEU B 69 3.53 -1.16 -8.37
CA LEU B 69 4.84 -0.86 -8.92
C LEU B 69 4.68 0.13 -10.07
N GLN B 70 3.61 -0.01 -10.84
CA GLN B 70 3.30 0.88 -11.95
C GLN B 70 3.27 2.34 -11.50
N THR B 71 3.90 3.22 -12.26
CA THR B 71 3.86 4.65 -11.94
C THR B 71 2.75 5.40 -12.71
N GLU B 72 2.33 6.53 -12.15
CA GLU B 72 1.31 7.37 -12.76
C GLU B 72 2.05 8.28 -13.69
N ILE B 73 1.36 8.74 -14.71
CA ILE B 73 1.93 9.65 -15.66
C ILE B 73 1.51 11.05 -15.22
N PRO B 74 2.47 11.99 -15.13
CA PRO B 74 2.30 13.33 -14.55
C PRO B 74 0.97 14.02 -14.82
N SER B 75 0.52 13.91 -16.06
CA SER B 75 -0.78 14.39 -16.55
C SER B 75 -1.97 13.62 -15.99
N GLN B 76 -1.69 12.59 -15.21
CA GLN B 76 -2.69 11.75 -14.62
C GLN B 76 -3.66 11.28 -15.66
N PHE B 77 -3.13 10.99 -16.87
CA PHE B 77 -3.90 10.46 -18.00
C PHE B 77 -5.07 11.33 -18.47
N GLY B 78 -4.83 12.63 -18.61
CA GLY B 78 -5.88 13.59 -19.01
C GLY B 78 -6.99 13.82 -17.99
N LEU B 79 -7.00 13.02 -16.93
CA LEU B 79 -8.02 13.07 -15.85
C LEU B 79 -7.71 14.04 -14.69
N LYS B 80 -6.62 14.79 -14.78
CA LYS B 80 -6.12 15.62 -13.68
C LYS B 80 -6.92 16.88 -13.43
N ASN B 81 -7.39 17.50 -14.51
CA ASN B 81 -8.17 18.72 -14.40
C ASN B 81 -9.65 18.46 -14.61
N SER B 82 -10.01 17.19 -14.53
CA SER B 82 -11.37 16.75 -14.73
C SER B 82 -11.88 16.06 -13.48
N MET B 83 -11.90 14.73 -13.55
CA MET B 83 -12.53 13.90 -12.55
C MET B 83 -11.85 14.16 -11.24
N PHE B 84 -10.55 14.43 -11.28
CA PHE B 84 -9.72 14.62 -10.08
C PHE B 84 -9.57 16.06 -9.67
N GLU B 85 -10.24 16.94 -10.40
CA GLU B 85 -10.30 18.31 -10.01
C GLU B 85 -11.72 18.53 -9.49
N LEU B 86 -12.68 17.93 -10.17
CA LEU B 86 -14.04 17.78 -9.64
C LEU B 86 -14.05 17.22 -8.21
N LEU B 87 -13.48 16.03 -8.02
CA LEU B 87 -13.59 15.27 -6.76
C LEU B 87 -12.65 15.73 -5.67
N ASN B 88 -13.16 15.72 -4.46
CA ASN B 88 -12.42 16.17 -3.33
C ASN B 88 -12.06 14.98 -2.48
N VAL B 89 -10.92 15.05 -1.80
CA VAL B 89 -10.57 14.09 -0.77
C VAL B 89 -10.02 14.85 0.45
N TYR B 90 -10.45 14.44 1.64
CA TYR B 90 -10.20 15.22 2.87
C TYR B 90 -9.20 14.51 3.78
N GLN B 101 -8.67 18.82 3.46
CA GLN B 101 -9.60 19.28 2.42
C GLN B 101 -8.81 19.63 1.17
N GLU B 102 -8.76 18.72 0.22
CA GLU B 102 -8.09 19.00 -1.05
C GLU B 102 -8.80 18.34 -2.22
N LYS B 103 -8.26 18.51 -3.42
CA LYS B 103 -8.73 17.81 -4.62
C LYS B 103 -7.91 16.56 -4.87
N MET B 104 -8.46 15.70 -5.73
CA MET B 104 -7.92 14.36 -5.96
C MET B 104 -6.64 14.32 -6.83
N ASN B 105 -6.26 15.43 -7.43
CA ASN B 105 -5.03 15.47 -8.21
C ASN B 105 -3.81 15.75 -7.36
N SER B 106 -3.97 16.00 -6.07
CA SER B 106 -2.87 16.47 -5.21
C SER B 106 -1.69 15.52 -4.98
N SER B 107 -0.64 16.61 -4.43
CA SER B 107 0.44 15.75 -4.00
C SER B 107 0.00 14.91 -2.82
N LEU B 108 -1.03 15.38 -2.13
CA LEU B 108 -1.46 14.82 -0.87
C LEU B 108 -1.55 13.32 -0.99
N ALA B 109 -0.89 12.62 -0.06
CA ALA B 109 -0.79 11.17 -0.11
C ALA B 109 -2.11 10.48 -0.42
N GLU B 110 -3.09 10.52 0.16
CA GLU B 110 -4.39 9.93 0.01
C GLU B 110 -4.74 9.98 -1.45
N SER B 111 -4.73 11.19 -1.99
CA SER B 111 -5.17 11.42 -3.34
C SER B 111 -4.53 10.38 -4.22
N GLN B 112 -3.24 10.21 -4.08
CA GLN B 112 -2.58 9.30 -4.95
C GLN B 112 -3.11 7.85 -4.84
N LYS B 113 -3.15 7.28 -3.65
CA LYS B 113 -3.76 5.96 -3.43
C LYS B 113 -5.15 5.84 -4.11
N MET B 114 -5.92 6.92 -4.08
CA MET B 114 -7.28 6.93 -4.62
C MET B 114 -7.19 6.97 -6.17
N ARG B 115 -6.34 7.85 -6.72
CA ARG B 115 -6.05 7.87 -8.15
C ARG B 115 -5.77 6.48 -8.70
N ARG B 116 -4.75 5.84 -8.15
CA ARG B 116 -4.40 4.47 -8.49
C ARG B 116 -5.59 3.55 -8.43
N GLN B 117 -6.21 3.48 -7.27
CA GLN B 117 -7.33 2.60 -7.10
C GLN B 117 -8.37 2.75 -8.21
N PHE B 118 -8.48 3.95 -8.75
CA PHE B 118 -9.34 4.15 -9.91
C PHE B 118 -8.75 3.46 -11.15
N TYR B 119 -7.49 3.73 -11.41
CA TYR B 119 -6.80 3.04 -12.48
C TYR B 119 -6.90 1.52 -12.29
N SER B 120 -6.58 1.07 -11.08
CA SER B 120 -6.62 -0.35 -10.72
C SER B 120 -7.96 -1.00 -11.07
N SER B 121 -9.06 -0.23 -10.91
CA SER B 121 -10.41 -0.68 -11.27
C SER B 121 -10.47 -1.06 -12.75
N LEU B 122 -9.59 -0.44 -13.54
CA LEU B 122 -9.44 -0.73 -14.98
C LEU B 122 -8.29 -1.69 -15.34
N SER B 123 -7.81 -2.39 -14.33
CA SER B 123 -6.70 -3.33 -14.44
C SER B 123 -5.51 -2.63 -15.05
N TYR B 124 -5.42 -1.34 -14.78
CA TYR B 124 -4.38 -0.46 -15.29
C TYR B 124 -4.18 -0.66 -16.80
N ASN B 125 -5.28 -0.85 -17.51
CA ASN B 125 -5.28 -0.72 -18.94
C ASN B 125 -5.17 0.76 -19.29
N THR B 126 -3.95 1.23 -19.50
CA THR B 126 -3.69 2.65 -19.79
C THR B 126 -4.50 3.11 -20.97
N THR B 127 -4.42 2.33 -22.04
CA THR B 127 -5.18 2.59 -23.23
C THR B 127 -6.61 2.92 -22.86
N ASP B 128 -7.24 2.03 -22.09
CA ASP B 128 -8.62 2.25 -21.64
C ASP B 128 -8.74 3.57 -20.83
N ILE B 129 -7.85 3.74 -19.87
CA ILE B 129 -7.91 4.90 -19.02
C ILE B 129 -7.84 6.17 -19.86
N PHE B 130 -7.00 6.16 -20.91
CA PHE B 130 -6.95 7.28 -21.83
C PHE B 130 -8.30 7.37 -22.53
N ASN B 131 -8.67 6.30 -23.20
CA ASN B 131 -9.92 6.29 -23.92
C ASN B 131 -11.09 6.82 -23.08
N LEU B 132 -11.08 6.54 -21.78
CA LEU B 132 -12.09 7.10 -20.89
C LEU B 132 -11.89 8.60 -20.70
N ALA B 133 -10.67 9.03 -20.47
CA ALA B 133 -10.42 10.44 -20.20
C ALA B 133 -11.02 11.27 -21.30
N GLU B 134 -10.67 10.89 -22.53
CA GLU B 134 -11.14 11.54 -23.73
C GLU B 134 -12.55 11.94 -23.46
N ILE B 135 -13.33 10.92 -23.14
CA ILE B 135 -14.75 11.09 -22.86
C ILE B 135 -15.00 12.00 -21.69
N VAL B 136 -14.40 11.69 -20.54
CA VAL B 136 -14.70 12.45 -19.32
C VAL B 136 -14.39 13.93 -19.47
N ASN B 137 -13.31 14.23 -20.19
CA ASN B 137 -12.96 15.62 -20.42
C ASN B 137 -13.99 16.27 -21.32
N LYS B 138 -14.53 15.50 -22.25
CA LYS B 138 -15.58 16.04 -23.09
C LYS B 138 -16.77 16.45 -22.27
N LEU B 139 -17.08 15.68 -21.24
CA LEU B 139 -18.26 15.95 -20.39
C LEU B 139 -17.90 17.03 -19.40
N TYR B 140 -16.62 17.12 -19.04
CA TYR B 140 -16.20 18.14 -18.10
C TYR B 140 -16.62 19.51 -18.57
N LYS B 141 -16.86 19.64 -19.87
CA LYS B 141 -17.21 20.92 -20.51
C LYS B 141 -18.61 21.37 -20.20
N ASP B 142 -19.38 20.56 -19.50
CA ASP B 142 -20.80 20.81 -19.33
C ASP B 142 -21.23 20.28 -17.97
N PRO B 143 -21.45 21.19 -17.00
CA PRO B 143 -21.88 20.90 -15.63
C PRO B 143 -22.95 19.83 -15.48
N LYS B 144 -23.88 19.77 -16.43
CA LYS B 144 -24.93 18.77 -16.41
C LYS B 144 -24.33 17.38 -16.55
N ALA B 145 -23.34 17.24 -17.42
CA ALA B 145 -22.69 15.95 -17.60
C ALA B 145 -21.66 15.68 -16.52
N HIS B 146 -21.73 16.39 -15.39
CA HIS B 146 -20.78 16.20 -14.31
C HIS B 146 -21.22 15.06 -13.44
N ASP B 147 -22.48 15.07 -13.07
CA ASP B 147 -22.98 13.99 -12.30
C ASP B 147 -22.48 12.68 -12.93
N THR B 148 -22.55 12.57 -14.27
CA THR B 148 -22.13 11.31 -14.97
C THR B 148 -20.75 10.95 -14.51
N ILE B 149 -19.82 11.81 -14.85
CA ILE B 149 -18.45 11.72 -14.38
C ILE B 149 -18.42 11.12 -12.95
N LYS B 150 -18.94 11.87 -11.98
CA LYS B 150 -18.89 11.43 -10.60
C LYS B 150 -19.24 9.96 -10.47
N LYS B 151 -20.18 9.49 -11.28
CA LYS B 151 -20.63 8.08 -11.23
C LYS B 151 -19.57 7.13 -11.84
N ILE B 152 -18.86 7.69 -12.83
CA ILE B 152 -17.76 7.03 -13.51
C ILE B 152 -16.57 6.84 -12.57
N SER B 153 -16.33 7.81 -11.70
CA SER B 153 -15.33 7.66 -10.65
C SER B 153 -15.70 6.59 -9.62
N GLY B 154 -16.93 6.07 -9.68
CA GLY B 154 -17.40 5.04 -8.77
C GLY B 154 -16.41 3.90 -8.60
N GLY B 155 -15.58 3.69 -9.62
CA GLY B 155 -14.58 2.63 -9.64
C GLY B 155 -13.63 2.68 -8.48
N ILE B 156 -13.54 3.84 -7.85
CA ILE B 156 -12.75 4.01 -6.65
C ILE B 156 -13.43 3.24 -5.55
N ARG B 157 -14.63 3.69 -5.18
CA ARG B 157 -15.41 3.08 -4.10
C ARG B 157 -15.35 1.56 -4.17
N ILE B 158 -15.54 1.03 -5.38
CA ILE B 158 -15.60 -0.42 -5.62
C ILE B 158 -14.30 -1.11 -5.29
N GLN B 159 -13.22 -0.61 -5.90
CA GLN B 159 -11.87 -1.10 -5.72
C GLN B 159 -11.50 -1.10 -4.24
N GLN B 160 -11.78 0.00 -3.55
CA GLN B 160 -11.50 0.07 -2.13
C GLN B 160 -12.18 -1.09 -1.44
N GLY B 161 -13.47 -1.26 -1.72
CA GLY B 161 -14.20 -2.37 -1.15
C GLY B 161 -13.40 -3.64 -1.29
N PHE B 162 -12.93 -3.82 -2.50
CA PHE B 162 -12.12 -4.94 -2.81
C PHE B 162 -10.93 -5.01 -1.85
N GLU B 163 -10.10 -4.00 -1.87
CA GLU B 163 -8.77 -4.08 -1.30
C GLU B 163 -8.76 -4.08 0.21
N VAL B 164 -9.72 -3.38 0.75
CA VAL B 164 -10.03 -3.52 2.14
C VAL B 164 -10.30 -5.00 2.38
N ALA B 165 -11.33 -5.55 1.71
CA ALA B 165 -11.84 -6.89 2.04
C ALA B 165 -10.77 -7.92 1.87
N LEU B 166 -9.91 -7.74 0.87
CA LEU B 166 -8.79 -8.62 0.73
C LEU B 166 -7.92 -8.51 1.95
N GLU B 167 -7.52 -7.29 2.28
CA GLU B 167 -6.73 -7.10 3.47
C GLU B 167 -7.27 -7.96 4.66
N ASP B 168 -8.56 -7.81 4.93
CA ASP B 168 -9.20 -8.49 6.04
C ASP B 168 -9.25 -9.98 5.82
N LEU B 169 -9.44 -10.41 4.58
CA LEU B 169 -9.46 -11.84 4.34
C LEU B 169 -8.20 -12.42 4.98
N ALA B 170 -7.05 -11.98 4.52
CA ALA B 170 -5.76 -12.47 5.02
C ALA B 170 -5.64 -12.43 6.54
N ILE B 171 -6.04 -11.33 7.12
CA ILE B 171 -5.93 -11.15 8.55
C ILE B 171 -6.87 -12.08 9.29
N ASN B 172 -8.02 -12.37 8.68
CA ASN B 172 -8.98 -13.30 9.25
C ASN B 172 -8.86 -14.77 8.81
N MET B 173 -7.92 -15.08 7.93
CA MET B 173 -7.81 -16.43 7.42
C MET B 173 -7.62 -17.47 8.52
N ASP B 174 -6.57 -17.32 9.32
CA ASP B 174 -6.26 -18.26 10.42
C ASP B 174 -7.39 -18.55 11.40
N LYS B 175 -8.37 -17.64 11.43
CA LYS B 175 -9.47 -17.72 12.39
C LYS B 175 -10.52 -18.57 11.73
N LEU B 176 -10.79 -18.30 10.45
CA LEU B 176 -11.70 -19.16 9.69
C LEU B 176 -10.97 -20.41 9.13
N LYS B 177 -9.67 -20.50 9.38
CA LYS B 177 -8.96 -21.75 9.18
C LYS B 177 -9.46 -22.82 10.14
N ALA B 178 -9.70 -22.42 11.39
CA ALA B 178 -10.06 -23.31 12.49
C ALA B 178 -11.13 -24.36 12.13
N ASN B 179 -11.00 -25.52 12.74
CA ASN B 179 -11.65 -26.74 12.26
C ASN B 179 -12.94 -27.10 13.00
N ASP B 180 -13.37 -26.22 13.91
CA ASP B 180 -14.70 -26.35 14.54
C ASP B 180 -15.62 -25.13 14.32
N PHE B 181 -15.16 -24.16 13.53
CA PHE B 181 -15.95 -22.93 13.30
C PHE B 181 -17.00 -23.15 12.20
N ASN B 182 -18.08 -22.38 12.26
CA ASN B 182 -19.26 -22.64 11.43
C ASN B 182 -18.89 -22.76 9.97
N LYS B 183 -19.27 -23.87 9.33
CA LYS B 183 -19.06 -24.07 7.89
C LYS B 183 -20.11 -23.29 7.03
N ASN B 184 -21.30 -23.05 7.58
CA ASN B 184 -22.33 -22.21 6.93
C ASN B 184 -21.93 -20.75 6.78
N THR B 185 -21.11 -20.25 7.70
CA THR B 185 -20.45 -18.93 7.62
C THR B 185 -19.38 -18.82 6.52
N LEU B 186 -18.39 -19.70 6.54
CA LEU B 186 -17.37 -19.75 5.51
C LEU B 186 -17.89 -19.60 4.08
N GLU B 187 -18.91 -20.40 3.77
CA GLU B 187 -19.52 -20.36 2.44
C GLU B 187 -20.03 -18.96 2.19
N GLU B 188 -20.73 -18.38 3.16
CA GLU B 188 -21.24 -17.04 2.98
C GLU B 188 -20.09 -16.08 2.69
N ILE B 189 -19.11 -16.02 3.56
CA ILE B 189 -17.89 -15.28 3.27
C ILE B 189 -17.48 -15.61 1.85
N TYR B 190 -17.05 -16.85 1.61
CA TYR B 190 -16.71 -17.29 0.25
C TYR B 190 -17.57 -16.64 -0.85
N ASN B 191 -18.89 -16.68 -0.71
CA ASN B 191 -19.82 -16.08 -1.68
C ASN B 191 -19.72 -14.58 -1.80
N LEU B 192 -19.55 -13.93 -0.66
CA LEU B 192 -19.40 -12.50 -0.65
C LEU B 192 -18.13 -12.14 -1.41
N ILE B 193 -17.05 -12.86 -1.11
CA ILE B 193 -15.79 -12.62 -1.78
C ILE B 193 -15.98 -12.77 -3.26
N VAL B 194 -16.66 -13.83 -3.68
CA VAL B 194 -16.81 -14.09 -5.11
C VAL B 194 -17.45 -12.87 -5.75
N ASP B 195 -18.61 -12.46 -5.26
CA ASP B 195 -19.27 -11.28 -5.82
C ASP B 195 -18.25 -10.19 -5.99
N LEU B 196 -17.58 -9.86 -4.88
CA LEU B 196 -16.67 -8.76 -4.88
C LEU B 196 -15.85 -8.76 -6.15
N THR B 197 -15.37 -9.93 -6.54
CA THR B 197 -14.64 -10.08 -7.80
C THR B 197 -15.57 -9.99 -8.98
N LEU B 198 -16.71 -10.67 -8.94
CA LEU B 198 -17.63 -10.60 -10.05
C LEU B 198 -17.96 -9.17 -10.28
N ILE B 199 -18.29 -8.49 -9.19
CA ILE B 199 -18.65 -7.10 -9.27
C ILE B 199 -17.54 -6.38 -10.03
N LYS B 200 -16.30 -6.55 -9.55
CA LYS B 200 -15.12 -5.88 -10.12
C LYS B 200 -14.99 -6.14 -11.61
N LYS B 201 -15.03 -7.40 -12.01
CA LYS B 201 -15.03 -7.76 -13.44
C LYS B 201 -16.00 -6.87 -14.19
N GLU B 202 -17.25 -6.92 -13.76
CA GLU B 202 -18.28 -6.23 -14.48
C GLU B 202 -18.11 -4.71 -14.55
N TRP B 203 -17.51 -4.11 -13.52
CA TRP B 203 -17.25 -2.68 -13.56
C TRP B 203 -16.48 -2.39 -14.81
N LEU B 204 -15.45 -3.19 -15.04
CA LEU B 204 -14.58 -2.99 -16.18
C LEU B 204 -15.28 -3.38 -17.46
N SER B 205 -16.13 -4.37 -17.41
CA SER B 205 -16.84 -4.70 -18.61
C SER B 205 -17.72 -3.52 -19.01
N THR B 206 -18.33 -2.88 -18.02
CA THR B 206 -19.21 -1.74 -18.25
C THR B 206 -18.46 -0.61 -18.90
N ILE B 207 -17.40 -0.17 -18.25
CA ILE B 207 -16.58 0.89 -18.80
C ILE B 207 -16.17 0.51 -20.22
N GLU B 208 -15.55 -0.64 -20.39
CA GLU B 208 -15.10 -1.06 -21.70
C GLU B 208 -16.17 -0.87 -22.73
N THR B 209 -17.34 -1.37 -22.43
CA THR B 209 -18.47 -1.22 -23.33
C THR B 209 -18.79 0.26 -23.55
N LEU B 210 -19.12 0.98 -22.49
CA LEU B 210 -19.39 2.39 -22.61
C LEU B 210 -18.50 3.05 -23.63
N ILE B 211 -17.22 2.80 -23.49
CA ILE B 211 -16.21 3.46 -24.29
C ILE B 211 -16.37 3.13 -25.77
N LYS B 212 -16.82 1.92 -26.02
CA LYS B 212 -16.98 1.41 -27.37
C LYS B 212 -18.17 2.09 -28.03
N SER B 213 -19.29 2.11 -27.32
CA SER B 213 -20.51 2.75 -27.79
C SER B 213 -20.40 4.27 -27.90
N SER B 214 -19.81 4.92 -26.90
CA SER B 214 -19.66 6.37 -26.92
C SER B 214 -18.76 6.87 -28.05
N ASN B 215 -18.09 5.96 -28.74
CA ASN B 215 -17.30 6.26 -29.92
C ASN B 215 -17.73 5.40 -31.07
N ALA B 216 -19.03 5.18 -31.20
CA ALA B 216 -19.56 4.38 -32.30
C ALA B 216 -19.81 5.26 -33.49
N THR B 217 -20.28 6.47 -33.22
CA THR B 217 -20.71 7.40 -34.25
C THR B 217 -20.10 8.76 -34.01
N LEU B 218 -19.98 9.56 -35.05
CA LEU B 218 -19.41 10.92 -34.93
C LEU B 218 -20.20 11.79 -33.94
N GLU B 219 -21.51 11.59 -34.00
CA GLU B 219 -22.47 12.31 -33.18
C GLU B 219 -22.22 12.13 -31.69
N LEU B 220 -21.91 10.89 -31.32
CA LEU B 220 -21.63 10.53 -29.94
C LEU B 220 -20.24 11.04 -29.58
N GLN B 221 -19.35 11.01 -30.55
CA GLN B 221 -18.00 11.40 -30.32
C GLN B 221 -17.81 12.89 -30.04
N TYR B 222 -18.69 13.74 -30.56
CA TYR B 222 -18.51 15.20 -30.40
C TYR B 222 -19.75 16.05 -30.05
N ASN B 223 -20.90 15.44 -29.79
CA ASN B 223 -22.00 16.17 -29.14
C ASN B 223 -22.18 15.74 -27.69
N THR B 224 -22.00 16.68 -26.78
CA THR B 224 -21.84 16.38 -25.37
C THR B 224 -23.13 15.99 -24.68
N GLU B 225 -24.19 16.79 -24.81
CA GLU B 225 -25.45 16.47 -24.11
C GLU B 225 -26.06 15.20 -24.64
N LYS B 226 -25.73 14.95 -25.91
CA LYS B 226 -26.08 13.76 -26.63
C LYS B 226 -25.33 12.55 -26.12
N LEU B 227 -24.01 12.63 -26.20
CA LEU B 227 -23.13 11.67 -25.52
C LEU B 227 -23.59 11.45 -24.09
N ASN B 228 -23.75 12.54 -23.34
CA ASN B 228 -24.15 12.44 -21.96
C ASN B 228 -25.50 11.77 -21.78
N ASP B 229 -26.40 11.96 -22.74
CA ASP B 229 -27.65 11.20 -22.70
C ASP B 229 -27.37 9.72 -22.77
N HIS B 230 -26.53 9.34 -23.72
CA HIS B 230 -26.20 7.93 -23.99
C HIS B 230 -25.77 7.25 -22.72
N ILE B 231 -24.66 7.73 -22.19
CA ILE B 231 -24.14 7.26 -20.93
C ILE B 231 -25.21 7.27 -19.85
N GLU B 232 -25.93 8.38 -19.74
CA GLU B 232 -26.95 8.51 -18.70
C GLU B 232 -27.96 7.39 -18.83
N GLN B 233 -28.27 7.03 -20.07
CA GLN B 233 -29.35 6.08 -20.31
C GLN B 233 -28.92 4.65 -20.44
N THR B 234 -27.66 4.40 -20.73
CA THR B 234 -27.22 3.05 -21.03
C THR B 234 -26.48 2.41 -19.86
N TYR B 235 -25.71 3.17 -19.11
CA TYR B 235 -24.87 2.57 -18.10
C TYR B 235 -25.09 3.14 -16.71
N LYS B 236 -25.74 4.30 -16.63
CA LYS B 236 -25.61 5.09 -15.42
C LYS B 236 -26.23 4.41 -14.24
N ASP B 237 -27.33 3.73 -14.49
CA ASP B 237 -27.96 3.03 -13.39
C ASP B 237 -27.10 1.86 -12.97
N THR B 238 -26.41 1.26 -13.95
CA THR B 238 -25.50 0.15 -13.71
C THR B 238 -24.36 0.59 -12.82
N MET B 239 -23.71 1.69 -13.19
CA MET B 239 -22.58 2.17 -12.41
C MET B 239 -23.03 2.48 -10.99
N ILE B 240 -24.27 2.94 -10.87
CA ILE B 240 -24.80 3.28 -9.58
C ILE B 240 -24.99 1.96 -8.87
N SER B 241 -25.90 1.13 -9.37
CA SER B 241 -26.27 -0.13 -8.72
C SER B 241 -25.10 -1.03 -8.29
N LEU B 242 -24.05 -1.01 -9.11
CA LEU B 242 -22.82 -1.81 -8.91
C LEU B 242 -21.98 -1.27 -7.77
N CYS B 243 -22.06 0.02 -7.52
CA CYS B 243 -21.41 0.59 -6.38
C CYS B 243 -22.04 0.14 -5.06
N LEU B 244 -23.36 0.13 -5.01
CA LEU B 244 -24.09 -0.22 -3.79
C LEU B 244 -23.96 -1.72 -3.47
N LYS B 245 -24.13 -2.55 -4.49
CA LYS B 245 -23.80 -3.95 -4.35
C LYS B 245 -22.52 -4.01 -3.54
N SER B 246 -21.44 -3.45 -4.09
CA SER B 246 -20.10 -3.49 -3.47
C SER B 246 -20.14 -2.93 -2.07
N GLU B 247 -20.64 -1.72 -1.93
CA GLU B 247 -20.71 -1.10 -0.64
C GLU B 247 -21.33 -2.08 0.35
N GLN B 248 -22.48 -2.66 0.01
CA GLN B 248 -23.25 -3.44 0.99
C GLN B 248 -22.75 -4.86 1.24
N THR B 249 -21.99 -5.40 0.29
CA THR B 249 -21.40 -6.72 0.47
C THR B 249 -20.32 -6.61 1.53
N LEU B 250 -19.50 -5.58 1.44
CA LEU B 250 -18.52 -5.31 2.48
C LEU B 250 -19.17 -5.29 3.83
N LEU B 251 -20.16 -4.42 3.96
CA LEU B 251 -20.85 -4.24 5.22
C LEU B 251 -21.35 -5.59 5.67
N HIS B 252 -21.89 -6.36 4.74
CA HIS B 252 -22.15 -7.74 5.02
C HIS B 252 -20.89 -8.37 5.58
N LEU B 253 -19.86 -8.40 4.74
CA LEU B 253 -18.68 -9.20 5.00
C LEU B 253 -17.97 -8.82 6.28
N ASP B 254 -17.65 -7.54 6.36
CA ASP B 254 -16.98 -6.96 7.51
C ASP B 254 -17.60 -7.55 8.73
N THR B 255 -18.91 -7.38 8.82
CA THR B 255 -19.70 -7.94 9.92
C THR B 255 -19.31 -9.39 10.22
N LEU B 256 -19.21 -10.22 9.20
CA LEU B 256 -18.81 -11.61 9.41
C LEU B 256 -17.40 -11.75 9.99
N PHE B 257 -16.53 -10.80 9.69
CA PHE B 257 -15.21 -10.87 10.26
C PHE B 257 -15.15 -10.49 11.72
N LYS B 258 -16.31 -10.56 12.42
CA LYS B 258 -16.43 -10.17 13.84
C LYS B 258 -17.86 -10.44 14.36
#